data_2LUF
#
_entry.id   2LUF
#
_entity_poly.entity_id   1
_entity_poly.type   'polypeptide(L)'
_entity_poly.pdbx_seq_one_letter_code
;SPPPRGSSPGGDKLWQIYLN
;
_entity_poly.pdbx_strand_id   A
#
# COMPACT_ATOMS: atom_id res chain seq x y z
N SER A 1 4.87 3.02 1.91
CA SER A 1 4.00 1.89 2.09
C SER A 1 4.62 0.70 1.39
N PRO A 2 4.48 -0.53 1.96
CA PRO A 2 5.01 -1.79 1.39
C PRO A 2 4.84 -1.90 -0.15
N PRO A 3 5.98 -1.88 -0.89
CA PRO A 3 6.02 -1.94 -2.36
C PRO A 3 5.18 -3.08 -3.05
N PRO A 4 5.18 -4.34 -2.52
CA PRO A 4 4.37 -5.42 -3.13
C PRO A 4 2.86 -5.16 -3.03
N ARG A 5 2.48 -4.17 -2.21
CA ARG A 5 1.09 -3.78 -1.98
C ARG A 5 0.27 -4.86 -1.28
N GLY A 6 -0.15 -5.86 -2.04
CA GLY A 6 -0.99 -6.93 -1.54
C GLY A 6 -0.21 -7.94 -0.73
N SER A 7 0.46 -7.45 0.26
CA SER A 7 1.20 -8.23 1.19
C SER A 7 0.98 -7.66 2.59
N SER A 8 0.29 -6.53 2.64
CA SER A 8 -0.02 -5.83 3.88
C SER A 8 -1.26 -4.97 3.65
N PRO A 9 -2.39 -5.26 4.35
CA PRO A 9 -3.67 -4.54 4.19
C PRO A 9 -3.54 -3.02 4.31
N GLY A 10 -2.93 -2.59 5.40
CA GLY A 10 -2.75 -1.17 5.63
C GLY A 10 -1.74 -0.58 4.70
N GLY A 11 -0.80 -1.41 4.29
CA GLY A 11 0.23 -1.02 3.37
C GLY A 11 -0.33 -0.65 2.02
N ASP A 12 -1.16 -1.51 1.47
CA ASP A 12 -1.79 -1.27 0.16
C ASP A 12 -2.81 -0.15 0.24
N LYS A 13 -3.54 -0.09 1.34
CA LYS A 13 -4.52 0.96 1.54
C LYS A 13 -3.85 2.33 1.51
N LEU A 14 -2.80 2.48 2.30
CA LEU A 14 -2.08 3.72 2.35
C LEU A 14 -1.06 3.81 1.23
N TRP A 15 -1.13 2.90 0.30
CA TRP A 15 -0.29 2.95 -0.85
C TRP A 15 -1.08 3.71 -1.89
N GLN A 16 -2.31 3.25 -2.08
CA GLN A 16 -3.25 3.81 -3.04
C GLN A 16 -3.65 5.23 -2.70
N ILE A 17 -3.34 5.63 -1.50
CA ILE A 17 -3.59 6.96 -1.05
C ILE A 17 -2.27 7.81 -1.08
N TYR A 18 -1.13 7.14 -1.28
CA TYR A 18 0.17 7.83 -1.20
C TYR A 18 0.90 7.94 -2.55
N LEU A 19 0.88 6.89 -3.34
CA LEU A 19 1.55 6.91 -4.64
C LEU A 19 0.56 7.00 -5.76
N ASN A 20 -0.63 6.70 -5.45
CA ASN A 20 -1.68 6.71 -6.41
C ASN A 20 -2.46 7.99 -6.27
N SER A 1 5.52 2.82 2.74
CA SER A 1 4.75 1.66 2.36
C SER A 1 5.57 0.91 1.32
N PRO A 2 5.49 -0.43 1.27
CA PRO A 2 6.25 -1.22 0.31
C PRO A 2 5.82 -0.90 -1.13
N PRO A 3 6.78 -0.57 -2.02
CA PRO A 3 6.50 -0.35 -3.45
C PRO A 3 5.67 -1.49 -4.10
N PRO A 4 5.97 -2.79 -3.85
CA PRO A 4 5.05 -3.85 -4.23
C PRO A 4 3.86 -3.82 -3.27
N ARG A 5 2.65 -3.72 -3.82
CA ARG A 5 1.40 -3.56 -3.05
C ARG A 5 1.27 -4.61 -1.94
N GLY A 6 1.28 -4.14 -0.70
CA GLY A 6 1.21 -5.00 0.46
C GLY A 6 -0.10 -5.75 0.56
N SER A 7 -0.02 -7.02 0.86
CA SER A 7 -1.17 -7.87 0.99
C SER A 7 -1.79 -7.72 2.37
N SER A 8 -0.97 -7.42 3.34
CA SER A 8 -1.42 -7.23 4.69
C SER A 8 -2.27 -5.94 4.80
N PRO A 9 -3.40 -6.02 5.55
CA PRO A 9 -4.30 -4.88 5.80
C PRO A 9 -3.57 -3.60 6.14
N GLY A 10 -3.83 -2.57 5.37
CA GLY A 10 -3.20 -1.31 5.56
C GLY A 10 -2.11 -1.10 4.55
N GLY A 11 -1.58 -2.18 4.02
CA GLY A 11 -0.50 -2.12 3.06
C GLY A 11 -0.91 -1.47 1.78
N ASP A 12 -2.00 -1.92 1.20
CA ASP A 12 -2.46 -1.36 -0.05
C ASP A 12 -3.26 -0.10 0.20
N LYS A 13 -3.85 -0.01 1.39
CA LYS A 13 -4.57 1.18 1.81
C LYS A 13 -3.63 2.38 1.79
N LEU A 14 -2.45 2.19 2.36
CA LEU A 14 -1.43 3.22 2.38
C LEU A 14 -0.56 3.16 1.15
N TRP A 15 -1.05 2.50 0.13
CA TRP A 15 -0.37 2.44 -1.13
C TRP A 15 -1.18 3.28 -2.09
N GLN A 16 -2.44 2.91 -2.23
CA GLN A 16 -3.37 3.53 -3.16
C GLN A 16 -3.65 4.98 -2.80
N ILE A 17 -3.29 5.36 -1.59
CA ILE A 17 -3.48 6.72 -1.12
C ILE A 17 -2.09 7.37 -0.93
N TYR A 18 -1.12 6.88 -1.65
CA TYR A 18 0.23 7.35 -1.49
C TYR A 18 1.06 7.33 -2.81
N LEU A 19 1.04 6.22 -3.52
CA LEU A 19 1.75 6.11 -4.81
C LEU A 19 0.79 6.12 -5.96
N ASN A 20 -0.41 6.30 -5.61
CA ASN A 20 -1.49 6.39 -6.53
C ASN A 20 -2.21 7.66 -6.27
N SER A 1 4.95 4.77 3.21
CA SER A 1 4.24 3.63 2.64
C SER A 1 5.24 2.73 1.93
N PRO A 2 5.11 1.39 2.07
CA PRO A 2 6.00 0.44 1.41
C PRO A 2 5.56 0.12 -0.04
N PRO A 3 6.46 0.39 -1.01
CA PRO A 3 6.20 0.13 -2.44
C PRO A 3 5.84 -1.34 -2.86
N PRO A 4 6.47 -2.41 -2.31
CA PRO A 4 6.04 -3.78 -2.59
C PRO A 4 4.69 -4.04 -1.93
N ARG A 5 3.64 -4.02 -2.70
CA ARG A 5 2.31 -4.16 -2.17
C ARG A 5 1.80 -5.60 -2.31
N GLY A 6 0.52 -5.82 -2.04
CA GLY A 6 -0.05 -7.15 -2.17
C GLY A 6 -1.44 -7.31 -1.53
N SER A 7 -2.25 -6.24 -1.61
CA SER A 7 -3.63 -6.21 -1.10
C SER A 7 -3.66 -6.47 0.43
N SER A 8 -3.50 -5.42 1.21
CA SER A 8 -3.45 -5.53 2.66
C SER A 8 -3.78 -4.17 3.32
N PRO A 9 -4.59 -4.16 4.38
CA PRO A 9 -4.86 -2.92 5.13
C PRO A 9 -3.57 -2.34 5.72
N GLY A 10 -2.65 -3.21 6.05
CA GLY A 10 -1.38 -2.78 6.55
C GLY A 10 -0.43 -2.51 5.41
N GLY A 11 0.03 -1.29 5.30
CA GLY A 11 1.01 -0.92 4.28
C GLY A 11 0.41 -0.69 2.91
N ASP A 12 -0.18 -1.73 2.35
CA ASP A 12 -0.77 -1.72 1.00
C ASP A 12 -1.92 -0.71 0.89
N LYS A 13 -2.64 -0.51 1.97
CA LYS A 13 -3.68 0.52 2.01
C LYS A 13 -3.05 1.90 1.84
N LEU A 14 -1.90 2.07 2.45
CA LEU A 14 -1.17 3.33 2.37
C LEU A 14 -0.60 3.51 0.98
N TRP A 15 -0.37 2.40 0.30
CA TRP A 15 0.13 2.40 -1.07
C TRP A 15 -0.90 3.09 -1.94
N GLN A 16 -2.14 2.68 -1.72
CA GLN A 16 -3.31 3.17 -2.43
C GLN A 16 -3.60 4.62 -2.10
N ILE A 17 -2.93 5.13 -1.10
CA ILE A 17 -3.09 6.47 -0.66
C ILE A 17 -1.74 7.25 -0.86
N TYR A 18 -0.90 6.70 -1.73
CA TYR A 18 0.41 7.30 -1.96
C TYR A 18 0.87 7.21 -3.43
N LEU A 19 0.72 6.05 -4.05
CA LEU A 19 1.10 5.86 -5.45
C LEU A 19 -0.09 5.79 -6.36
N ASN A 20 -1.23 5.64 -5.79
CA ASN A 20 -2.46 5.58 -6.53
C ASN A 20 -3.22 6.85 -6.33
N SER A 1 8.51 2.54 2.96
CA SER A 1 7.07 2.42 3.09
C SER A 1 6.71 0.94 3.19
N PRO A 2 5.53 0.58 3.76
CA PRO A 2 5.06 -0.81 3.80
C PRO A 2 4.99 -1.39 2.37
N PRO A 3 5.19 -2.72 2.22
CA PRO A 3 5.20 -3.39 0.90
C PRO A 3 3.99 -3.02 0.02
N PRO A 4 4.24 -2.54 -1.20
CA PRO A 4 3.18 -2.11 -2.11
C PRO A 4 2.40 -3.30 -2.69
N ARG A 5 1.09 -3.30 -2.46
CA ARG A 5 0.17 -4.34 -2.94
C ARG A 5 0.48 -5.71 -2.28
N GLY A 6 -0.23 -6.72 -2.71
CA GLY A 6 0.03 -8.06 -2.23
C GLY A 6 -0.66 -8.34 -0.93
N SER A 7 -0.01 -9.09 -0.09
CA SER A 7 -0.54 -9.50 1.19
C SER A 7 -0.24 -8.47 2.30
N SER A 8 0.02 -7.25 1.89
CA SER A 8 0.31 -6.19 2.80
C SER A 8 -0.88 -5.22 2.83
N PRO A 9 -1.75 -5.32 3.86
CA PRO A 9 -2.92 -4.45 3.98
C PRO A 9 -2.52 -3.00 4.11
N GLY A 10 -1.55 -2.73 4.99
CA GLY A 10 -1.06 -1.38 5.18
C GLY A 10 -0.37 -0.85 3.95
N GLY A 11 0.28 -1.74 3.23
CA GLY A 11 0.95 -1.36 2.02
C GLY A 11 -0.01 -0.99 0.93
N ASP A 12 -1.04 -1.80 0.75
CA ASP A 12 -2.06 -1.54 -0.27
C ASP A 12 -2.88 -0.32 0.12
N LYS A 13 -3.14 -0.17 1.42
CA LYS A 13 -3.82 1.01 1.94
C LYS A 13 -3.05 2.25 1.60
N LEU A 14 -1.80 2.28 2.03
CA LEU A 14 -0.99 3.45 1.87
C LEU A 14 -0.68 3.71 0.42
N TRP A 15 -0.68 2.65 -0.39
CA TRP A 15 -0.44 2.74 -1.83
C TRP A 15 -1.47 3.68 -2.42
N GLN A 16 -2.72 3.43 -2.08
CA GLN A 16 -3.86 4.19 -2.61
C GLN A 16 -3.86 5.64 -2.14
N ILE A 17 -2.93 5.95 -1.27
CA ILE A 17 -2.76 7.26 -0.77
C ILE A 17 -1.41 7.86 -1.26
N TYR A 18 -0.43 7.00 -1.54
CA TYR A 18 0.91 7.46 -1.86
C TYR A 18 1.19 7.63 -3.36
N LEU A 19 0.57 6.80 -4.18
CA LEU A 19 0.77 6.88 -5.64
C LEU A 19 -0.54 7.15 -6.37
N ASN A 20 -1.60 6.80 -5.74
CA ASN A 20 -2.91 6.98 -6.31
C ASN A 20 -3.45 8.33 -5.91
N SER A 1 5.15 4.25 3.58
CA SER A 1 4.27 3.32 2.91
C SER A 1 5.08 2.47 1.94
N PRO A 2 5.05 1.14 2.09
CA PRO A 2 5.87 0.23 1.30
C PRO A 2 5.39 0.06 -0.15
N PRO A 3 6.31 0.28 -1.13
CA PRO A 3 6.05 -0.01 -2.55
C PRO A 3 5.62 -1.48 -2.86
N PRO A 4 6.21 -2.54 -2.20
CA PRO A 4 5.72 -3.91 -2.34
C PRO A 4 4.26 -4.01 -1.90
N ARG A 5 3.38 -3.97 -2.87
CA ARG A 5 1.96 -3.95 -2.60
C ARG A 5 1.42 -5.37 -2.41
N GLY A 6 0.54 -5.50 -1.48
CA GLY A 6 -0.09 -6.75 -1.18
C GLY A 6 -1.32 -6.48 -0.37
N SER A 7 -2.23 -7.41 -0.34
CA SER A 7 -3.48 -7.23 0.35
C SER A 7 -3.31 -7.41 1.85
N SER A 8 -2.98 -6.32 2.50
CA SER A 8 -2.81 -6.22 3.91
C SER A 8 -3.09 -4.78 4.28
N PRO A 9 -3.56 -4.51 5.52
CA PRO A 9 -3.86 -3.15 6.00
C PRO A 9 -2.69 -2.20 5.75
N GLY A 10 -1.53 -2.53 6.27
CA GLY A 10 -0.36 -1.71 6.09
C GLY A 10 0.38 -2.02 4.82
N GLY A 11 -0.35 -2.36 3.78
CA GLY A 11 0.26 -2.68 2.54
C GLY A 11 -0.29 -1.85 1.42
N ASP A 12 -1.04 -2.49 0.54
CA ASP A 12 -1.58 -1.84 -0.66
C ASP A 12 -2.56 -0.74 -0.32
N LYS A 13 -3.20 -0.84 0.85
CA LYS A 13 -4.13 0.21 1.30
C LYS A 13 -3.42 1.56 1.31
N LEU A 14 -2.29 1.63 1.99
CA LEU A 14 -1.56 2.88 2.07
C LEU A 14 -0.88 3.21 0.76
N TRP A 15 -0.60 2.19 -0.03
CA TRP A 15 0.02 2.37 -1.34
C TRP A 15 -0.94 3.19 -2.20
N GLN A 16 -2.20 2.79 -2.19
CA GLN A 16 -3.25 3.40 -3.00
C GLN A 16 -3.62 4.77 -2.47
N ILE A 17 -3.04 5.14 -1.35
CA ILE A 17 -3.28 6.41 -0.71
C ILE A 17 -1.93 7.20 -0.66
N TYR A 18 -0.96 6.74 -1.45
CA TYR A 18 0.36 7.34 -1.43
C TYR A 18 0.98 7.47 -2.83
N LEU A 19 0.78 6.47 -3.67
CA LEU A 19 1.29 6.51 -5.04
C LEU A 19 0.16 6.64 -6.05
N ASN A 20 -1.01 6.34 -5.61
CA ASN A 20 -2.16 6.39 -6.46
C ASN A 20 -2.97 7.62 -6.13
N SER A 1 6.31 3.01 4.76
CA SER A 1 5.16 2.46 4.06
C SER A 1 5.35 0.97 3.87
N PRO A 2 4.28 0.16 4.10
CA PRO A 2 4.30 -1.29 3.80
C PRO A 2 4.42 -1.52 2.28
N PRO A 3 4.65 -2.78 1.83
CA PRO A 3 4.75 -3.11 0.40
C PRO A 3 3.53 -2.66 -0.37
N PRO A 4 3.73 -1.86 -1.45
CA PRO A 4 2.66 -1.30 -2.27
C PRO A 4 1.55 -2.31 -2.60
N ARG A 5 1.94 -3.46 -3.10
CA ARG A 5 0.99 -4.51 -3.37
C ARG A 5 1.54 -5.82 -2.88
N GLY A 6 0.78 -6.51 -2.07
CA GLY A 6 1.21 -7.78 -1.56
C GLY A 6 0.44 -8.16 -0.33
N SER A 7 0.99 -9.06 0.43
CA SER A 7 0.37 -9.55 1.63
C SER A 7 0.60 -8.57 2.78
N SER A 8 -0.12 -7.47 2.76
CA SER A 8 -0.02 -6.43 3.74
C SER A 8 -1.33 -5.61 3.72
N PRO A 9 -2.04 -5.50 4.87
CA PRO A 9 -3.31 -4.76 4.95
C PRO A 9 -3.10 -3.24 4.81
N GLY A 10 -1.88 -2.81 5.05
CA GLY A 10 -1.54 -1.42 4.90
C GLY A 10 -0.84 -1.18 3.59
N GLY A 11 -0.70 -2.24 2.81
CA GLY A 11 0.03 -2.18 1.55
C GLY A 11 -0.67 -1.34 0.52
N ASP A 12 -1.80 -1.83 0.04
CA ASP A 12 -2.58 -1.11 -0.96
C ASP A 12 -3.20 0.11 -0.32
N LYS A 13 -3.33 0.09 1.00
CA LYS A 13 -3.79 1.24 1.73
C LYS A 13 -2.85 2.41 1.47
N LEU A 14 -1.57 2.20 1.76
CA LEU A 14 -0.60 3.23 1.52
C LEU A 14 -0.37 3.44 0.06
N TRP A 15 -0.54 2.40 -0.74
CA TRP A 15 -0.39 2.52 -2.20
C TRP A 15 -1.33 3.59 -2.68
N GLN A 16 -2.60 3.46 -2.31
CA GLN A 16 -3.66 4.35 -2.77
C GLN A 16 -3.58 5.73 -2.10
N ILE A 17 -2.57 5.92 -1.30
CA ILE A 17 -2.30 7.17 -0.63
C ILE A 17 -0.94 7.73 -1.12
N TYR A 18 -0.17 6.89 -1.78
CA TYR A 18 1.19 7.22 -2.18
C TYR A 18 1.33 7.36 -3.70
N LEU A 19 0.65 6.52 -4.45
CA LEU A 19 0.69 6.57 -5.93
C LEU A 19 -0.63 6.98 -6.50
N ASN A 20 -1.56 7.16 -5.64
CA ASN A 20 -2.87 7.57 -6.01
C ASN A 20 -3.18 8.87 -5.34
N SER A 1 5.47 2.20 4.18
CA SER A 1 4.63 1.71 3.13
C SER A 1 5.33 0.57 2.39
N PRO A 2 4.68 -0.59 2.27
CA PRO A 2 5.22 -1.71 1.54
C PRO A 2 5.13 -1.48 0.03
N PRO A 3 6.28 -1.45 -0.69
CA PRO A 3 6.32 -1.26 -2.15
C PRO A 3 5.40 -2.20 -2.99
N PRO A 4 5.32 -3.54 -2.72
CA PRO A 4 4.44 -4.40 -3.47
C PRO A 4 3.00 -4.18 -3.06
N ARG A 5 2.20 -3.67 -4.00
CA ARG A 5 0.80 -3.32 -3.80
C ARG A 5 0.04 -4.50 -3.20
N GLY A 6 -0.55 -4.26 -2.06
CA GLY A 6 -1.19 -5.31 -1.34
C GLY A 6 -0.25 -5.82 -0.29
N SER A 7 0.01 -7.12 -0.33
CA SER A 7 0.96 -7.82 0.56
C SER A 7 0.51 -7.81 2.03
N SER A 8 0.52 -6.66 2.64
CA SER A 8 0.15 -6.49 4.00
C SER A 8 -1.12 -5.65 4.06
N PRO A 9 -2.25 -6.28 4.42
CA PRO A 9 -3.54 -5.59 4.54
C PRO A 9 -3.43 -4.40 5.48
N GLY A 10 -3.75 -3.25 4.99
CA GLY A 10 -3.58 -2.04 5.75
C GLY A 10 -2.63 -1.12 5.03
N GLY A 11 -1.47 -1.67 4.69
CA GLY A 11 -0.45 -0.91 4.01
C GLY A 11 -0.87 -0.55 2.61
N ASP A 12 -1.72 -1.39 2.04
CA ASP A 12 -2.26 -1.16 0.70
C ASP A 12 -3.08 0.11 0.63
N LYS A 13 -3.86 0.41 1.66
CA LYS A 13 -4.63 1.64 1.65
C LYS A 13 -3.71 2.85 1.67
N LEU A 14 -2.65 2.76 2.45
CA LEU A 14 -1.67 3.83 2.50
C LEU A 14 -0.96 3.92 1.15
N TRP A 15 -0.71 2.77 0.54
CA TRP A 15 -0.10 2.66 -0.78
C TRP A 15 -0.98 3.41 -1.78
N GLN A 16 -2.25 3.05 -1.75
CA GLN A 16 -3.27 3.58 -2.66
C GLN A 16 -3.52 5.06 -2.50
N ILE A 17 -2.94 5.66 -1.49
CA ILE A 17 -3.07 7.10 -1.29
C ILE A 17 -1.66 7.76 -1.42
N TYR A 18 -0.67 6.96 -1.73
CA TYR A 18 0.70 7.46 -1.79
C TYR A 18 1.35 7.30 -3.17
N LEU A 19 1.16 6.17 -3.81
CA LEU A 19 1.69 5.93 -5.17
C LEU A 19 0.57 5.85 -6.16
N ASN A 20 -0.58 6.03 -5.67
CA ASN A 20 -1.77 5.98 -6.45
C ASN A 20 -2.48 7.31 -6.30
N SER A 1 5.45 3.84 4.47
CA SER A 1 4.73 3.49 3.27
C SER A 1 5.02 2.02 2.92
N PRO A 2 4.10 1.34 2.22
CA PRO A 2 4.20 -0.10 1.96
C PRO A 2 4.83 -0.44 0.60
N PRO A 3 5.08 -1.74 0.35
CA PRO A 3 5.43 -2.23 -0.97
C PRO A 3 4.10 -2.44 -1.78
N PRO A 4 4.13 -3.01 -3.02
CA PRO A 4 2.92 -3.27 -3.83
C PRO A 4 1.77 -3.97 -3.07
N ARG A 5 0.56 -3.77 -3.61
CA ARG A 5 -0.70 -4.26 -3.04
C ARG A 5 -0.65 -5.76 -2.84
N GLY A 6 -0.54 -6.15 -1.62
CA GLY A 6 -0.42 -7.55 -1.29
C GLY A 6 0.54 -7.70 -0.16
N SER A 7 1.53 -6.86 -0.15
CA SER A 7 2.48 -6.82 0.90
C SER A 7 1.88 -5.98 2.02
N SER A 8 1.88 -6.53 3.24
CA SER A 8 1.27 -5.95 4.42
C SER A 8 -0.24 -5.72 4.24
N PRO A 9 -1.09 -6.63 4.80
CA PRO A 9 -2.56 -6.53 4.69
C PRO A 9 -3.08 -5.18 5.17
N GLY A 10 -3.65 -4.41 4.26
CA GLY A 10 -4.16 -3.12 4.59
C GLY A 10 -3.22 -2.03 4.17
N GLY A 11 -2.03 -2.44 3.72
CA GLY A 11 -1.01 -1.52 3.26
C GLY A 11 -1.45 -0.82 2.01
N ASP A 12 -2.38 -1.45 1.32
CA ASP A 12 -3.01 -0.90 0.12
C ASP A 12 -3.59 0.50 0.37
N LYS A 13 -4.11 0.75 1.57
CA LYS A 13 -4.59 2.11 1.92
C LYS A 13 -3.46 3.12 1.74
N LEU A 14 -2.32 2.78 2.28
CA LEU A 14 -1.15 3.62 2.22
C LEU A 14 -0.65 3.70 0.79
N TRP A 15 -0.83 2.61 0.07
CA TRP A 15 -0.43 2.49 -1.33
C TRP A 15 -1.24 3.49 -2.16
N GLN A 16 -2.56 3.46 -1.96
CA GLN A 16 -3.50 4.29 -2.71
C GLN A 16 -3.37 5.77 -2.33
N ILE A 17 -2.49 6.05 -1.40
CA ILE A 17 -2.17 7.39 -1.01
C ILE A 17 -0.72 7.75 -1.43
N TYR A 18 0.15 6.74 -1.56
CA TYR A 18 1.57 6.98 -1.81
C TYR A 18 1.94 6.89 -3.30
N LEU A 19 1.25 6.03 -4.01
CA LEU A 19 1.57 5.79 -5.41
C LEU A 19 0.39 6.24 -6.26
N ASN A 20 -0.75 6.18 -5.68
CA ASN A 20 -1.95 6.61 -6.33
C ASN A 20 -2.23 8.05 -5.96
N SER A 1 7.18 0.30 6.91
CA SER A 1 6.02 0.44 6.07
C SER A 1 5.77 -0.87 5.33
N PRO A 2 4.50 -1.29 5.15
CA PRO A 2 4.19 -2.45 4.33
C PRO A 2 4.29 -2.08 2.85
N PRO A 3 4.81 -2.97 1.99
CA PRO A 3 4.96 -2.73 0.54
C PRO A 3 3.62 -2.38 -0.14
N PRO A 4 3.63 -1.41 -1.09
CA PRO A 4 2.42 -0.96 -1.83
C PRO A 4 1.63 -2.12 -2.42
N ARG A 5 2.32 -3.06 -3.01
CA ARG A 5 1.70 -4.25 -3.52
C ARG A 5 2.25 -5.46 -2.84
N GLY A 6 1.43 -6.04 -2.02
CA GLY A 6 1.76 -7.21 -1.30
C GLY A 6 0.57 -7.66 -0.51
N SER A 7 0.63 -8.86 0.00
CA SER A 7 -0.47 -9.39 0.77
C SER A 7 -0.32 -8.95 2.22
N SER A 8 -0.66 -7.72 2.48
CA SER A 8 -0.62 -7.14 3.79
C SER A 8 -1.61 -6.00 3.84
N PRO A 9 -2.63 -6.08 4.71
CA PRO A 9 -3.61 -5.02 4.87
C PRO A 9 -2.90 -3.74 5.33
N GLY A 10 -2.82 -2.80 4.46
CA GLY A 10 -2.15 -1.57 4.77
C GLY A 10 -1.22 -1.19 3.68
N GLY A 11 -0.62 -2.19 3.04
CA GLY A 11 0.34 -1.93 1.98
C GLY A 11 -0.32 -1.26 0.80
N ASP A 12 -1.44 -1.80 0.40
CA ASP A 12 -2.21 -1.26 -0.70
C ASP A 12 -2.84 0.08 -0.29
N LYS A 13 -3.02 0.29 1.01
CA LYS A 13 -3.51 1.56 1.52
C LYS A 13 -2.44 2.64 1.31
N LEU A 14 -1.19 2.28 1.56
CA LEU A 14 -0.06 3.17 1.30
C LEU A 14 0.02 3.46 -0.17
N TRP A 15 -0.27 2.45 -0.97
CA TRP A 15 -0.31 2.58 -2.42
C TRP A 15 -1.31 3.66 -2.76
N GLN A 16 -2.52 3.50 -2.21
CA GLN A 16 -3.66 4.38 -2.45
C GLN A 16 -3.43 5.81 -1.94
N ILE A 17 -2.33 6.05 -1.28
CA ILE A 17 -1.97 7.36 -0.81
C ILE A 17 -0.68 7.86 -1.51
N TYR A 18 0.01 6.97 -2.18
CA TYR A 18 1.30 7.28 -2.79
C TYR A 18 1.21 7.45 -4.33
N LEU A 19 0.31 6.72 -4.95
CA LEU A 19 0.10 6.83 -6.40
C LEU A 19 -1.31 7.20 -6.75
N ASN A 20 -2.15 7.19 -5.78
CA ASN A 20 -3.55 7.51 -5.96
C ASN A 20 -3.82 8.82 -5.27
N SER A 1 7.43 2.62 5.98
CA SER A 1 7.09 1.36 5.38
C SER A 1 6.99 1.54 3.87
N PRO A 2 7.48 0.59 3.09
CA PRO A 2 7.32 0.62 1.64
C PRO A 2 5.93 0.05 1.28
N PRO A 3 5.11 0.80 0.53
CA PRO A 3 3.76 0.36 0.16
C PRO A 3 3.75 -0.88 -0.74
N PRO A 4 3.24 -2.00 -0.23
CA PRO A 4 3.09 -3.21 -0.99
C PRO A 4 1.69 -3.35 -1.58
N ARG A 5 1.57 -4.21 -2.53
CA ARG A 5 0.33 -4.42 -3.18
C ARG A 5 -0.31 -5.73 -2.74
N GLY A 6 0.40 -6.82 -2.94
CA GLY A 6 -0.14 -8.11 -2.61
C GLY A 6 0.40 -8.61 -1.30
N SER A 7 0.61 -7.70 -0.39
CA SER A 7 1.13 -8.00 0.91
C SER A 7 0.61 -6.95 1.89
N SER A 8 0.55 -7.32 3.18
CA SER A 8 0.12 -6.44 4.27
C SER A 8 -1.41 -6.12 4.20
N PRO A 9 -2.13 -6.25 5.34
CA PRO A 9 -3.59 -5.98 5.39
C PRO A 9 -3.92 -4.56 4.93
N GLY A 10 -3.11 -3.63 5.37
CA GLY A 10 -3.28 -2.26 4.99
C GLY A 10 -2.23 -1.82 4.02
N GLY A 11 -1.74 -2.75 3.21
CA GLY A 11 -0.72 -2.44 2.22
C GLY A 11 -1.26 -1.47 1.21
N ASP A 12 -2.45 -1.76 0.74
CA ASP A 12 -3.16 -0.91 -0.21
C ASP A 12 -3.42 0.49 0.35
N LYS A 13 -3.54 0.61 1.65
CA LYS A 13 -3.77 1.91 2.26
C LYS A 13 -2.59 2.84 1.98
N LEU A 14 -1.40 2.31 2.10
CA LEU A 14 -0.20 3.07 1.82
C LEU A 14 -0.03 3.25 0.33
N TRP A 15 -0.50 2.28 -0.42
CA TRP A 15 -0.46 2.28 -1.89
C TRP A 15 -1.29 3.46 -2.40
N GLN A 16 -2.49 3.58 -1.87
CA GLN A 16 -3.46 4.59 -2.26
C GLN A 16 -3.05 6.00 -1.82
N ILE A 17 -2.02 6.07 -1.02
CA ILE A 17 -1.47 7.33 -0.55
C ILE A 17 -0.02 7.46 -1.11
N TYR A 18 0.19 6.86 -2.26
CA TYR A 18 1.49 6.86 -2.89
C TYR A 18 1.40 6.82 -4.43
N LEU A 19 0.62 5.91 -4.96
CA LEU A 19 0.52 5.72 -6.40
C LEU A 19 -0.79 6.33 -6.89
N ASN A 20 -1.74 6.33 -6.00
CA ASN A 20 -3.02 6.95 -6.22
C ASN A 20 -2.91 8.35 -5.71
#